data_4Z2P
#
_entry.id   4Z2P
#
_cell.length_a   61.228
_cell.length_b   61.228
_cell.length_c   166.817
_cell.angle_alpha   90.00
_cell.angle_beta   90.00
_cell.angle_gamma   90.00
#
_symmetry.space_group_name_H-M   'P 43 21 2'
#
loop_
_entity.id
_entity.type
_entity.pdbx_description
1 polymer 'Avidin family'
2 polymer 'Hoef-peptide (L9F)'
3 water water
#
loop_
_entity_poly.entity_id
_entity_poly.type
_entity_poly.pdbx_seq_one_letter_code
_entity_poly.pdbx_strand_id
1 'polypeptide(L)'
;FADDHAMSPDMKLLAGASNWVNQSGSVAQFVFTPSPTQPQTYEVSGNYINNAQGTGCKGTPYPLSGAYYSGNQIISFSVV
WSNASANCQSATGWTGYFDFSGSQAVLKTDWNLAFYSGSTPAIQQGQDDFMQSV
;
A,B
2 'polypeptide(L)' SVATVSESFLTE P,C
#
# COMPACT_ATOMS: atom_id res chain seq x y z
N SER A 8 14.18 -20.73 10.39
CA SER A 8 12.72 -20.41 10.55
C SER A 8 12.21 -19.65 9.32
N PRO A 9 11.00 -20.00 8.84
CA PRO A 9 10.42 -19.40 7.61
C PRO A 9 10.34 -17.86 7.61
N ASP A 10 9.93 -17.28 8.75
CA ASP A 10 9.93 -15.80 8.95
C ASP A 10 11.32 -15.14 8.64
N MET A 11 12.41 -15.75 9.10
CA MET A 11 13.75 -15.16 8.92
C MET A 11 14.31 -15.39 7.52
N LYS A 12 13.98 -16.51 6.88
CA LYS A 12 14.43 -16.71 5.49
C LYS A 12 13.82 -15.67 4.59
N LEU A 13 12.56 -15.31 4.85
CA LEU A 13 11.89 -14.23 4.13
C LEU A 13 12.67 -12.92 4.25
N LEU A 14 13.15 -12.60 5.46
CA LEU A 14 13.85 -11.32 5.69
C LEU A 14 15.22 -11.30 5.04
N ALA A 15 15.84 -12.47 4.93
CA ALA A 15 17.24 -12.60 4.52
C ALA A 15 17.40 -12.59 3.00
N GLY A 16 16.33 -12.79 2.27
CA GLY A 16 16.41 -13.01 0.84
C GLY A 16 15.47 -12.22 -0.04
N ALA A 17 15.52 -12.58 -1.32
CA ALA A 17 14.57 -12.14 -2.32
C ALA A 17 13.73 -13.34 -2.68
N SER A 18 12.48 -13.33 -2.27
CA SER A 18 11.61 -14.47 -2.48
C SER A 18 10.57 -14.12 -3.50
N ASN A 19 10.13 -15.15 -4.20
CA ASN A 19 9.14 -15.03 -5.24
C ASN A 19 7.84 -15.76 -4.89
N TRP A 20 6.73 -15.15 -5.32
CA TRP A 20 5.36 -15.53 -4.94
C TRP A 20 4.44 -15.41 -6.14
N VAL A 21 3.74 -16.49 -6.50
CA VAL A 21 2.89 -16.54 -7.68
C VAL A 21 1.41 -16.55 -7.26
N ASN A 22 0.60 -15.65 -7.81
CA ASN A 22 -0.81 -15.63 -7.49
C ASN A 22 -1.65 -16.40 -8.48
N GLN A 23 -2.95 -16.48 -8.19
CA GLN A 23 -3.87 -17.30 -8.93
C GLN A 23 -4.04 -16.91 -10.43
N SER A 24 -3.62 -15.69 -10.77
CA SER A 24 -3.55 -15.18 -12.16
C SER A 24 -2.26 -15.50 -12.89
N GLY A 25 -1.30 -16.06 -12.16
CA GLY A 25 0.02 -16.31 -12.69
C GLY A 25 0.96 -15.13 -12.58
N SER A 26 0.52 -14.06 -11.91
CA SER A 26 1.39 -12.90 -11.66
C SER A 26 2.37 -13.23 -10.55
N VAL A 27 3.50 -12.55 -10.55
CA VAL A 27 4.62 -12.85 -9.61
C VAL A 27 5.11 -11.62 -8.88
N ALA A 28 5.14 -11.71 -7.53
CA ALA A 28 5.76 -10.68 -6.68
C ALA A 28 7.08 -11.21 -6.18
N GLN A 29 8.09 -10.34 -6.20
CA GLN A 29 9.40 -10.62 -5.63
C GLN A 29 9.66 -9.56 -4.55
N PHE A 30 9.88 -9.99 -3.31
CA PHE A 30 10.01 -9.08 -2.17
C PHE A 30 11.42 -9.07 -1.61
N VAL A 31 11.89 -7.87 -1.27
CA VAL A 31 13.15 -7.64 -0.54
C VAL A 31 12.76 -6.77 0.67
N PHE A 32 13.38 -7.05 1.82
CA PHE A 32 13.04 -6.39 3.08
C PHE A 32 14.26 -5.72 3.67
N THR A 33 14.11 -4.45 4.10
CA THR A 33 15.18 -3.65 4.65
C THR A 33 14.70 -3.07 5.98
N PRO A 34 15.48 -3.23 7.06
CA PRO A 34 14.91 -2.75 8.32
C PRO A 34 14.59 -1.26 8.34
N SER A 35 13.45 -0.91 8.94
CA SER A 35 13.09 0.49 9.11
C SER A 35 14.08 1.17 10.07
N PRO A 36 14.50 2.39 9.76
CA PRO A 36 15.36 3.07 10.74
C PRO A 36 14.63 3.63 11.98
N THR A 37 13.29 3.62 11.97
CA THR A 37 12.50 4.16 13.10
C THR A 37 11.45 3.24 13.72
N GLN A 38 10.94 2.30 12.95
CA GLN A 38 9.84 1.49 13.39
C GLN A 38 10.35 0.12 13.81
N PRO A 39 10.22 -0.22 15.09
CA PRO A 39 10.66 -1.56 15.48
C PRO A 39 9.92 -2.68 14.77
N GLN A 40 10.64 -3.78 14.47
CA GLN A 40 10.02 -5.00 13.86
C GLN A 40 9.35 -4.71 12.55
N THR A 41 9.82 -3.69 11.88
CA THR A 41 9.18 -3.19 10.67
C THR A 41 10.28 -3.08 9.60
N TYR A 42 9.86 -3.36 8.35
CA TYR A 42 10.74 -3.45 7.21
C TYR A 42 10.14 -2.67 6.05
N GLU A 43 10.99 -1.93 5.35
CA GLU A 43 10.68 -1.31 4.06
C GLU A 43 10.66 -2.48 3.05
N VAL A 44 9.58 -2.54 2.27
CA VAL A 44 9.40 -3.53 1.19
C VAL A 44 9.84 -2.90 -0.13
N SER A 45 10.74 -3.59 -0.82
CA SER A 45 11.10 -3.27 -2.19
C SER A 45 10.98 -4.57 -2.98
N GLY A 46 11.27 -4.48 -4.27
CA GLY A 46 11.09 -5.63 -5.13
C GLY A 46 10.37 -5.25 -6.40
N ASN A 47 9.77 -6.26 -7.05
CA ASN A 47 9.09 -6.01 -8.30
C ASN A 47 7.93 -6.97 -8.49
N TYR A 48 7.00 -6.55 -9.33
CA TYR A 48 5.80 -7.28 -9.64
C TYR A 48 5.66 -7.44 -11.14
N ILE A 49 5.39 -8.69 -11.57
CA ILE A 49 5.11 -8.98 -12.97
C ILE A 49 3.67 -9.47 -13.13
N ASN A 50 2.92 -8.69 -13.87
CA ASN A 50 1.52 -8.96 -14.11
C ASN A 50 1.32 -9.90 -15.29
N ASN A 51 0.69 -11.05 -15.03
CA ASN A 51 0.36 -12.00 -16.07
C ASN A 51 -1.14 -12.26 -16.19
N ALA A 52 -1.95 -11.38 -15.59
CA ALA A 52 -3.41 -11.54 -15.55
C ALA A 52 -4.06 -11.34 -16.91
N GLN A 53 -4.96 -12.26 -17.26
CA GLN A 53 -5.68 -12.16 -18.51
C GLN A 53 -6.58 -10.94 -18.58
N GLY A 54 -6.62 -10.32 -19.76
CA GLY A 54 -7.54 -9.20 -20.04
C GLY A 54 -7.06 -7.85 -19.54
N THR A 55 -5.84 -7.80 -19.04
CA THR A 55 -5.30 -6.60 -18.40
C THR A 55 -4.18 -5.99 -19.22
N GLY A 56 -3.89 -4.72 -18.94
CA GLY A 56 -2.77 -4.00 -19.51
C GLY A 56 -1.52 -4.22 -18.68
N CYS A 57 -0.37 -3.73 -19.17
CA CYS A 57 0.88 -3.69 -18.42
C CYS A 57 1.31 -5.09 -17.99
N LYS A 58 1.25 -6.04 -18.93
CA LYS A 58 1.62 -7.43 -18.66
C LYS A 58 3.04 -7.77 -19.06
N GLY A 59 3.64 -8.68 -18.30
CA GLY A 59 4.85 -9.34 -18.71
C GLY A 59 6.12 -8.58 -18.48
N THR A 60 6.07 -7.46 -17.72
CA THR A 60 7.31 -6.70 -17.41
C THR A 60 7.32 -6.27 -15.95
N PRO A 61 8.51 -6.16 -15.34
CA PRO A 61 8.55 -5.85 -13.91
C PRO A 61 8.21 -4.38 -13.60
N TYR A 62 7.35 -4.22 -12.60
CA TYR A 62 7.08 -2.93 -11.98
C TYR A 62 7.61 -2.90 -10.58
N PRO A 63 8.28 -1.81 -10.18
CA PRO A 63 8.71 -1.75 -8.79
C PRO A 63 7.55 -1.77 -7.82
N LEU A 64 7.78 -2.36 -6.65
CA LEU A 64 6.83 -2.27 -5.59
C LEU A 64 7.48 -1.61 -4.37
N SER A 65 6.62 -1.06 -3.51
CA SER A 65 7.04 -0.40 -2.31
C SER A 65 5.98 -0.63 -1.24
N GLY A 66 6.36 -0.49 0.01
CA GLY A 66 5.43 -0.63 1.10
C GLY A 66 6.18 -0.99 2.37
N ALA A 67 5.48 -1.68 3.26
CA ALA A 67 5.99 -1.92 4.61
C ALA A 67 5.53 -3.27 5.11
N TYR A 68 6.34 -3.85 5.99
CA TYR A 68 6.10 -5.20 6.52
C TYR A 68 6.38 -5.21 8.02
N TYR A 69 5.51 -5.89 8.74
CA TYR A 69 5.61 -6.05 10.18
C TYR A 69 6.00 -7.48 10.49
N SER A 70 7.22 -7.68 10.99
CA SER A 70 7.73 -9.02 11.24
C SER A 70 7.06 -9.75 12.42
N GLY A 71 6.49 -9.02 13.39
CA GLY A 71 5.98 -9.67 14.62
C GLY A 71 4.96 -10.76 14.34
N ASN A 72 4.04 -10.48 13.40
CA ASN A 72 3.06 -11.44 12.95
C ASN A 72 2.92 -11.54 11.41
N GLN A 73 3.95 -11.08 10.68
CA GLN A 73 4.12 -11.32 9.24
C GLN A 73 2.94 -10.75 8.42
N ILE A 74 2.68 -9.47 8.65
CA ILE A 74 1.68 -8.70 7.91
C ILE A 74 2.39 -7.72 6.99
N ILE A 75 1.85 -7.55 5.78
CA ILE A 75 2.42 -6.77 4.73
C ILE A 75 1.39 -5.85 4.08
N SER A 76 1.87 -4.70 3.60
CA SER A 76 1.06 -3.83 2.72
C SER A 76 2.01 -3.21 1.72
N PHE A 77 1.72 -3.38 0.43
CA PHE A 77 2.60 -2.92 -0.63
C PHE A 77 1.82 -2.45 -1.84
N SER A 78 2.48 -1.65 -2.65
CA SER A 78 1.84 -1.00 -3.79
C SER A 78 2.65 -0.97 -5.04
N VAL A 79 1.96 -0.87 -6.17
CA VAL A 79 2.57 -0.69 -7.48
C VAL A 79 1.86 0.45 -8.22
N VAL A 80 2.65 1.37 -8.76
CA VAL A 80 2.18 2.32 -9.75
C VAL A 80 2.54 1.72 -11.12
N TRP A 81 1.55 1.64 -12.00
CA TRP A 81 1.71 0.91 -13.26
C TRP A 81 2.37 1.79 -14.35
N SER A 82 3.60 2.25 -14.09
CA SER A 82 4.38 3.09 -15.05
C SER A 82 5.77 2.52 -15.07
N ASN A 83 6.20 2.03 -16.22
CA ASN A 83 7.61 1.71 -16.40
C ASN A 83 8.02 2.02 -17.83
N ALA A 84 9.22 1.59 -18.18
CA ALA A 84 9.75 1.86 -19.54
C ALA A 84 8.93 1.20 -20.66
N SER A 85 8.22 0.13 -20.32
CA SER A 85 7.51 -0.69 -21.31
C SER A 85 6.08 -0.24 -21.55
N ALA A 86 5.39 0.14 -20.48
CA ALA A 86 3.95 0.41 -20.57
C ALA A 86 3.53 1.22 -19.37
N ASN A 87 2.54 2.06 -19.59
CA ASN A 87 1.94 2.90 -18.56
C ASN A 87 0.42 2.71 -18.60
N CYS A 88 -0.14 2.13 -17.53
CA CYS A 88 -1.59 1.94 -17.43
C CYS A 88 -2.24 2.98 -16.52
N GLN A 89 -1.50 4.03 -16.17
CA GLN A 89 -2.10 5.23 -15.54
C GLN A 89 -2.97 4.87 -14.34
N SER A 90 -2.39 4.10 -13.43
CA SER A 90 -3.17 3.48 -12.36
C SER A 90 -2.21 2.99 -11.28
N ALA A 91 -2.78 2.55 -10.16
CA ALA A 91 -2.01 1.98 -9.04
C ALA A 91 -2.84 0.95 -8.30
N THR A 92 -2.12 -0.05 -7.77
CA THR A 92 -2.69 -1.07 -6.99
C THR A 92 -2.02 -1.16 -5.64
N GLY A 93 -2.84 -1.30 -4.61
CA GLY A 93 -2.36 -1.58 -3.24
C GLY A 93 -2.87 -2.89 -2.70
N TRP A 94 -1.93 -3.72 -2.22
CA TRP A 94 -2.24 -5.00 -1.57
C TRP A 94 -1.94 -4.92 -0.08
N THR A 95 -2.81 -5.55 0.70
CA THR A 95 -2.63 -5.67 2.13
C THR A 95 -3.06 -7.05 2.56
N GLY A 96 -2.27 -7.65 3.43
CA GLY A 96 -2.58 -8.98 3.88
C GLY A 96 -1.53 -9.57 4.77
N TYR A 97 -1.44 -10.91 4.78
CA TYR A 97 -0.64 -11.61 5.76
C TYR A 97 -0.09 -12.92 5.19
N PHE A 98 1.09 -13.33 5.70
CA PHE A 98 1.71 -14.60 5.36
C PHE A 98 1.29 -15.72 6.29
N ASP A 99 1.09 -16.92 5.73
CA ASP A 99 0.76 -18.09 6.50
C ASP A 99 1.79 -19.13 6.15
N PHE A 100 2.65 -19.43 7.12
CA PHE A 100 3.71 -20.42 6.99
C PHE A 100 3.31 -21.77 7.61
N SER A 101 2.05 -21.94 8.00
CA SER A 101 1.65 -23.12 8.77
C SER A 101 1.58 -24.39 7.91
N GLY A 102 1.43 -24.23 6.60
CA GLY A 102 1.37 -25.40 5.72
C GLY A 102 2.74 -25.73 5.17
N SER A 103 2.82 -26.84 4.41
CA SER A 103 4.08 -27.24 3.80
C SER A 103 4.55 -26.23 2.74
N GLN A 104 3.62 -25.48 2.16
CA GLN A 104 3.94 -24.42 1.22
C GLN A 104 3.42 -23.09 1.79
N ALA A 105 4.25 -22.06 1.79
CA ALA A 105 3.84 -20.76 2.36
C ALA A 105 2.87 -20.06 1.38
N VAL A 106 1.90 -19.32 1.93
CA VAL A 106 0.90 -18.55 1.19
C VAL A 106 0.84 -17.11 1.75
N LEU A 107 0.70 -16.16 0.84
CA LEU A 107 0.43 -14.78 1.20
C LEU A 107 -1.01 -14.50 0.75
N LYS A 108 -1.88 -14.17 1.71
CA LYS A 108 -3.25 -13.84 1.43
C LYS A 108 -3.43 -12.33 1.49
N THR A 109 -4.01 -11.78 0.43
CA THR A 109 -4.19 -10.29 0.33
C THR A 109 -5.52 -9.92 -0.24
N ASP A 110 -5.96 -8.71 0.11
CA ASP A 110 -6.99 -7.97 -0.56
C ASP A 110 -6.30 -6.79 -1.24
N TRP A 111 -6.80 -6.42 -2.42
CA TRP A 111 -6.22 -5.34 -3.19
C TRP A 111 -7.26 -4.34 -3.65
N ASN A 112 -6.78 -3.10 -3.86
CA ASN A 112 -7.53 -2.03 -4.51
C ASN A 112 -6.77 -1.50 -5.71
N LEU A 113 -7.48 -1.34 -6.82
CA LEU A 113 -6.92 -0.78 -8.04
C LEU A 113 -7.63 0.52 -8.34
N ALA A 114 -6.87 1.63 -8.30
CA ALA A 114 -7.39 2.94 -8.64
C ALA A 114 -7.00 3.28 -10.07
N PHE A 115 -7.98 3.79 -10.83
CA PHE A 115 -7.79 4.03 -12.26
C PHE A 115 -8.89 4.94 -12.78
N TYR A 116 -8.75 5.40 -14.03
CA TYR A 116 -9.76 6.21 -14.72
C TYR A 116 -10.35 5.48 -15.92
N SER A 117 -11.66 5.65 -16.10
CA SER A 117 -12.32 5.23 -17.28
C SER A 117 -12.88 6.52 -17.89
N GLY A 118 -12.21 6.99 -18.93
CA GLY A 118 -12.49 8.31 -19.49
C GLY A 118 -12.13 9.31 -18.42
N SER A 119 -13.06 10.20 -18.11
CA SER A 119 -12.83 11.18 -17.05
C SER A 119 -13.32 10.69 -15.68
N THR A 120 -13.82 9.45 -15.60
CA THR A 120 -14.41 8.92 -14.38
C THR A 120 -13.42 8.09 -13.54
N PRO A 121 -13.11 8.52 -12.31
CA PRO A 121 -12.22 7.69 -11.46
C PRO A 121 -12.99 6.55 -10.84
N ALA A 122 -12.30 5.48 -10.51
CA ALA A 122 -12.92 4.36 -9.78
C ALA A 122 -11.84 3.56 -9.06
N ILE A 123 -12.27 2.81 -8.04
CA ILE A 123 -11.41 1.96 -7.27
C ILE A 123 -12.09 0.61 -7.24
N GLN A 124 -11.42 -0.36 -7.84
CA GLN A 124 -11.91 -1.73 -7.95
C GLN A 124 -11.21 -2.60 -6.90
N GLN A 125 -11.97 -3.55 -6.33
CA GLN A 125 -11.48 -4.40 -5.23
C GLN A 125 -11.30 -5.86 -5.74
N GLY A 126 -10.42 -6.60 -5.09
CA GLY A 126 -10.23 -8.01 -5.40
C GLY A 126 -9.39 -8.68 -4.33
N GLN A 127 -9.05 -9.92 -4.56
CA GLN A 127 -8.26 -10.71 -3.64
C GLN A 127 -7.24 -11.51 -4.40
N ASP A 128 -5.99 -11.48 -3.93
CA ASP A 128 -4.94 -12.35 -4.49
C ASP A 128 -4.40 -13.27 -3.44
N ASP A 129 -4.26 -14.54 -3.78
CA ASP A 129 -3.56 -15.49 -2.94
C ASP A 129 -2.30 -15.90 -3.68
N PHE A 130 -1.15 -15.65 -3.07
CA PHE A 130 0.16 -15.95 -3.67
C PHE A 130 0.77 -17.19 -2.99
N MET A 131 1.26 -18.13 -3.78
CA MET A 131 1.93 -19.31 -3.26
CA MET A 131 1.94 -19.28 -3.21
C MET A 131 3.42 -19.15 -3.47
N GLN A 132 4.22 -19.44 -2.46
CA GLN A 132 5.67 -19.26 -2.61
C GLN A 132 6.26 -20.17 -3.68
N SER A 133 7.20 -19.59 -4.42
CA SER A 133 8.06 -20.31 -5.38
C SER A 133 9.28 -20.81 -4.66
N VAL A 134 9.38 -22.14 -4.56
CA VAL A 134 10.52 -22.75 -4.01
C VAL A 134 10.97 -23.92 -4.86
N ALA B 3 6.63 4.87 -23.63
CA ALA B 3 5.85 3.70 -23.13
C ALA B 3 4.45 3.70 -23.72
N THR B 4 4.01 2.53 -24.18
CA THR B 4 2.64 2.36 -24.62
C THR B 4 1.69 2.75 -23.49
N VAL B 5 0.78 3.66 -23.83
CA VAL B 5 -0.16 4.21 -22.88
C VAL B 5 -1.53 3.54 -23.08
N SER B 6 -2.04 2.99 -21.97
CA SER B 6 -3.38 2.39 -21.91
C SER B 6 -4.24 3.36 -21.12
N GLU B 7 -5.52 3.45 -21.49
CA GLU B 7 -6.49 4.24 -20.71
C GLU B 7 -6.37 3.84 -19.22
N SER B 8 -6.29 2.54 -18.96
CA SER B 8 -6.13 2.02 -17.59
C SER B 8 -5.58 0.57 -17.61
N PHE B 9 -5.46 0.02 -16.40
CA PHE B 9 -4.97 -1.33 -16.21
C PHE B 9 -5.99 -2.37 -16.81
N LEU B 10 -7.27 -1.97 -16.90
CA LEU B 10 -8.37 -2.85 -17.35
C LEU B 10 -8.70 -2.77 -18.86
N THR B 11 -8.69 -1.55 -19.40
CA THR B 11 -9.13 -1.25 -20.78
C THR B 11 -7.96 -0.61 -21.55
N GLU B 12 -7.67 -1.10 -22.75
CA GLU B 12 -6.50 -0.62 -23.49
C GLU B 12 -6.86 0.48 -24.48
N SER C 8 -1.37 25.22 -10.27
CA SER C 8 -2.55 24.31 -10.17
C SER C 8 -2.54 23.58 -8.82
N PRO C 9 -3.67 22.93 -8.47
CA PRO C 9 -3.71 22.21 -7.20
C PRO C 9 -2.84 20.92 -7.15
N ASP C 10 -2.70 20.23 -8.28
CA ASP C 10 -1.89 18.98 -8.33
C ASP C 10 -0.39 19.26 -8.10
N MET C 11 0.01 20.47 -8.47
CA MET C 11 1.23 21.10 -7.98
C MET C 11 0.94 21.60 -6.59
N LYS C 12 1.97 21.74 -5.77
CA LYS C 12 1.79 22.18 -4.38
C LYS C 12 1.26 21.06 -3.46
N LEU C 13 0.56 20.08 -4.04
CA LEU C 13 0.53 18.76 -3.41
C LEU C 13 1.99 18.34 -3.31
N LEU C 14 2.72 18.55 -4.42
CA LEU C 14 4.08 18.06 -4.53
C LEU C 14 5.07 18.78 -3.66
N ALA C 15 4.74 20.01 -3.25
CA ALA C 15 5.54 20.77 -2.27
C ALA C 15 5.81 19.97 -1.00
N GLY C 16 4.93 19.01 -0.65
CA GLY C 16 5.08 18.20 0.58
C GLY C 16 4.93 19.02 1.85
N ALA C 17 4.01 19.99 1.81
CA ALA C 17 3.85 21.00 2.86
C ALA C 17 2.56 20.86 3.64
N SER C 18 1.61 20.05 3.15
CA SER C 18 0.21 20.10 3.58
C SER C 18 -0.32 18.89 4.38
N ASN C 19 -1.48 19.10 5.01
CA ASN C 19 -2.16 18.09 5.82
C ASN C 19 -3.42 17.69 5.08
N TRP C 20 -3.71 16.39 5.14
CA TRP C 20 -4.92 15.83 4.58
C TRP C 20 -5.67 15.14 5.72
N VAL C 21 -6.87 15.62 5.98
CA VAL C 21 -7.61 15.25 7.17
C VAL C 21 -8.87 14.50 6.80
N ASN C 22 -9.03 13.32 7.37
CA ASN C 22 -10.23 12.53 7.09
C ASN C 22 -11.40 12.80 8.01
N GLN C 23 -12.44 12.03 7.78
CA GLN C 23 -13.73 12.29 8.39
C GLN C 23 -13.65 12.14 9.92
N SER C 24 -12.67 11.40 10.45
CA SER C 24 -12.48 11.24 11.87
C SER C 24 -11.39 12.12 12.49
N GLY C 25 -10.77 12.95 11.66
CA GLY C 25 -9.68 13.79 12.09
C GLY C 25 -8.31 13.17 12.04
N SER C 26 -8.18 11.98 11.46
CA SER C 26 -6.87 11.41 11.21
C SER C 26 -6.18 12.27 10.15
N VAL C 27 -4.85 12.37 10.23
CA VAL C 27 -4.07 13.27 9.40
C VAL C 27 -2.94 12.56 8.66
N ALA C 28 -2.93 12.73 7.33
CA ALA C 28 -1.84 12.26 6.51
C ALA C 28 -1.02 13.44 6.05
N GLN C 29 0.29 13.35 6.26
CA GLN C 29 1.24 14.39 5.85
C GLN C 29 2.19 13.76 4.83
N PHE C 30 1.99 14.04 3.54
CA PHE C 30 2.75 13.40 2.46
C PHE C 30 3.99 14.16 2.09
N VAL C 31 5.03 13.41 1.75
CA VAL C 31 6.27 13.91 1.20
C VAL C 31 6.53 13.08 -0.04
N PHE C 32 6.90 13.76 -1.13
CA PHE C 32 7.13 13.13 -2.45
C PHE C 32 8.58 13.30 -2.91
N THR C 33 9.15 12.28 -3.55
CA THR C 33 10.52 12.32 -4.12
C THR C 33 10.41 11.60 -5.46
N PRO C 34 11.03 12.15 -6.53
CA PRO C 34 10.90 11.45 -7.81
C PRO C 34 11.34 9.99 -7.77
N SER C 35 10.59 9.14 -8.47
CA SER C 35 10.94 7.74 -8.54
C SER C 35 12.26 7.61 -9.28
N PRO C 36 13.17 6.76 -8.80
CA PRO C 36 14.43 6.59 -9.53
C PRO C 36 14.28 5.99 -10.92
N THR C 37 13.22 5.20 -11.14
CA THR C 37 13.09 4.45 -12.41
C THR C 37 11.72 4.57 -13.12
N GLN C 38 10.69 5.07 -12.45
CA GLN C 38 9.38 5.07 -13.04
C GLN C 38 9.00 6.47 -13.54
N PRO C 39 8.69 6.61 -14.82
CA PRO C 39 8.27 7.95 -15.26
C PRO C 39 6.99 8.41 -14.59
N GLN C 40 6.91 9.71 -14.30
CA GLN C 40 5.69 10.36 -13.82
C GLN C 40 5.22 9.77 -12.50
N THR C 41 6.18 9.32 -11.70
CA THR C 41 5.91 8.63 -10.49
C THR C 41 6.80 9.17 -9.39
N TYR C 42 6.25 9.16 -8.16
CA TYR C 42 6.97 9.65 -6.98
C TYR C 42 6.90 8.60 -5.90
N GLU C 43 7.98 8.48 -5.15
CA GLU C 43 7.97 7.72 -3.91
C GLU C 43 7.31 8.58 -2.86
N VAL C 44 6.42 7.97 -2.08
CA VAL C 44 5.68 8.70 -1.02
C VAL C 44 6.25 8.31 0.32
N SER C 45 6.53 9.34 1.10
CA SER C 45 6.92 9.18 2.51
C SER C 45 6.09 10.16 3.32
N GLY C 46 6.44 10.33 4.58
CA GLY C 46 5.66 11.22 5.48
C GLY C 46 5.16 10.49 6.70
N ASN C 47 4.13 11.05 7.34
CA ASN C 47 3.58 10.50 8.57
C ASN C 47 2.08 10.56 8.59
N TYR C 48 1.51 9.68 9.38
CA TYR C 48 0.07 9.56 9.52
C TYR C 48 -0.22 9.58 11.01
N ILE C 49 -1.19 10.40 11.38
CA ILE C 49 -1.65 10.51 12.76
C ILE C 49 -3.09 10.01 12.81
N ASN C 50 -3.27 8.87 13.44
CA ASN C 50 -4.61 8.23 13.53
C ASN C 50 -5.49 8.82 14.62
N ASN C 51 -6.76 8.97 14.26
CA ASN C 51 -7.82 9.36 15.14
C ASN C 51 -9.12 8.56 14.99
N ALA C 52 -9.08 7.41 14.31
CA ALA C 52 -10.27 6.67 14.02
C ALA C 52 -10.94 6.14 15.29
N GLN C 53 -12.25 6.39 15.38
CA GLN C 53 -13.00 6.02 16.57
C GLN C 53 -12.84 4.56 16.93
N GLY C 54 -12.52 4.31 18.20
CA GLY C 54 -12.43 2.97 18.72
C GLY C 54 -11.17 2.18 18.43
N THR C 55 -10.23 2.83 17.74
CA THR C 55 -8.99 2.17 17.34
C THR C 55 -7.83 2.46 18.30
N GLY C 56 -6.82 1.62 18.23
CA GLY C 56 -5.59 1.82 18.94
C GLY C 56 -4.66 2.70 18.13
N CYS C 57 -3.49 2.97 18.69
CA CYS C 57 -2.45 3.72 18.01
C CYS C 57 -2.92 5.09 17.52
N LYS C 58 -3.66 5.78 18.38
CA LYS C 58 -4.10 7.13 18.06
C LYS C 58 -3.13 8.19 18.57
N GLY C 59 -3.10 9.29 17.82
CA GLY C 59 -2.51 10.53 18.33
C GLY C 59 -0.98 10.63 18.28
N THR C 60 -0.30 9.72 17.56
CA THR C 60 1.15 9.82 17.39
C THR C 60 1.52 9.55 15.93
N PRO C 61 2.66 10.11 15.48
CA PRO C 61 2.99 9.92 14.08
C PRO C 61 3.50 8.53 13.79
N TYR C 62 2.96 7.95 12.72
CA TYR C 62 3.49 6.73 12.13
C TYR C 62 3.99 6.98 10.72
N PRO C 63 5.21 6.52 10.39
CA PRO C 63 5.64 6.70 9.02
C PRO C 63 4.73 6.03 8.02
N LEU C 64 4.59 6.66 6.85
CA LEU C 64 3.87 6.05 5.75
C LEU C 64 4.78 5.93 4.53
N SER C 65 4.50 4.91 3.71
CA SER C 65 5.22 4.72 2.48
C SER C 65 4.34 4.25 1.35
N GLY C 66 4.71 4.63 0.15
CA GLY C 66 4.01 4.17 -1.02
C GLY C 66 4.48 4.87 -2.26
N ALA C 67 3.55 5.05 -3.20
CA ALA C 67 3.90 5.56 -4.52
C ALA C 67 2.72 6.35 -5.09
N TYR C 68 3.04 7.35 -5.90
CA TYR C 68 2.10 8.33 -6.41
C TYR C 68 2.38 8.52 -7.90
N TYR C 69 1.30 8.50 -8.67
CA TYR C 69 1.31 8.65 -10.14
C TYR C 69 0.80 10.04 -10.49
N SER C 70 1.69 10.93 -10.95
CA SER C 70 1.30 12.35 -11.11
C SER C 70 0.47 12.61 -12.35
N GLY C 71 0.45 11.67 -13.30
CA GLY C 71 -0.27 11.90 -14.56
C GLY C 71 -1.75 12.18 -14.36
N ASN C 72 -2.37 11.42 -13.47
CA ASN C 72 -3.78 11.61 -13.13
C ASN C 72 -4.02 11.61 -11.60
N GLN C 73 -2.95 11.79 -10.83
CA GLN C 73 -3.02 12.02 -9.39
C GLN C 73 -3.66 10.88 -8.63
N ILE C 74 -3.09 9.69 -8.84
CA ILE C 74 -3.51 8.47 -8.12
C ILE C 74 -2.40 8.06 -7.15
N ILE C 75 -2.80 7.56 -5.97
CA ILE C 75 -1.84 7.26 -4.91
C ILE C 75 -2.16 5.96 -4.22
N SER C 76 -1.12 5.31 -3.70
CA SER C 76 -1.32 4.13 -2.84
C SER C 76 -0.22 4.17 -1.79
N PHE C 77 -0.60 4.05 -0.51
CA PHE C 77 0.34 4.18 0.61
C PHE C 77 -0.10 3.32 1.77
N SER C 78 0.86 3.01 2.62
CA SER C 78 0.64 2.07 3.70
C SER C 78 1.32 2.53 5.00
N VAL C 79 0.79 2.03 6.13
CA VAL C 79 1.34 2.26 7.43
C VAL C 79 1.35 0.92 8.17
N VAL C 80 2.49 0.61 8.78
CA VAL C 80 2.61 -0.42 9.80
C VAL C 80 2.52 0.27 11.16
N TRP C 81 1.58 -0.21 11.97
CA TRP C 81 1.23 0.43 13.26
C TRP C 81 2.20 0.08 14.40
N SER C 82 3.48 0.39 14.18
CA SER C 82 4.56 0.17 15.17
C SER C 82 5.39 1.43 15.25
N ASN C 83 5.40 2.07 16.42
CA ASN C 83 6.33 3.15 16.65
C ASN C 83 6.77 3.12 18.11
N ALA C 84 7.41 4.20 18.57
CA ALA C 84 7.98 4.26 19.90
C ALA C 84 6.91 4.36 20.98
N SER C 85 5.70 4.77 20.59
CA SER C 85 4.61 5.01 21.48
C SER C 85 3.68 3.82 21.65
N ALA C 86 3.35 3.18 20.54
CA ALA C 86 2.35 2.09 20.56
C ALA C 86 2.53 1.18 19.38
N ASN C 87 2.33 -0.11 19.63
CA ASN C 87 2.36 -1.13 18.61
C ASN C 87 1.02 -1.89 18.60
N CYS C 88 0.29 -1.73 17.49
CA CYS C 88 -0.99 -2.37 17.29
C CYS C 88 -0.86 -3.61 16.39
N GLN C 89 0.38 -4.02 16.07
CA GLN C 89 0.63 -5.33 15.40
C GLN C 89 -0.27 -5.52 14.14
N SER C 90 -0.30 -4.50 13.30
CA SER C 90 -1.30 -4.39 12.24
C SER C 90 -0.71 -3.53 11.13
N ALA C 91 -1.33 -3.55 9.95
CA ALA C 91 -0.95 -2.65 8.87
C ALA C 91 -2.20 -2.25 8.07
N THR C 92 -2.18 -1.02 7.54
CA THR C 92 -3.25 -0.52 6.69
C THR C 92 -2.67 -0.02 5.37
N GLY C 93 -3.37 -0.34 4.30
CA GLY C 93 -3.09 0.22 2.98
C GLY C 93 -4.27 0.94 2.39
N TRP C 94 -4.01 2.18 1.95
CA TRP C 94 -4.96 3.02 1.28
C TRP C 94 -4.59 3.15 -0.16
N THR C 95 -5.61 3.13 -1.01
CA THR C 95 -5.41 3.35 -2.46
C THR C 95 -6.53 4.26 -2.96
N GLY C 96 -6.19 5.22 -3.80
CA GLY C 96 -7.22 6.12 -4.28
C GLY C 96 -6.71 7.21 -5.15
N TYR C 97 -7.46 8.31 -5.19
CA TYR C 97 -7.22 9.37 -6.14
C TYR C 97 -7.56 10.74 -5.56
N PHE C 98 -6.84 11.74 -6.03
CA PHE C 98 -7.08 13.14 -5.67
C PHE C 98 -8.08 13.76 -6.63
N ASP C 99 -9.11 14.39 -6.08
CA ASP C 99 -10.08 15.14 -6.85
C ASP C 99 -9.88 16.62 -6.55
N PHE C 100 -9.32 17.34 -7.51
CA PHE C 100 -9.04 18.77 -7.38
C PHE C 100 -10.09 19.62 -8.08
N SER C 101 -11.19 19.01 -8.51
CA SER C 101 -12.19 19.71 -9.33
C SER C 101 -12.99 20.77 -8.56
N GLY C 102 -13.36 20.46 -7.33
CA GLY C 102 -14.09 21.38 -6.47
C GLY C 102 -13.15 22.37 -5.83
N SER C 103 -13.70 23.34 -5.10
CA SER C 103 -12.91 24.38 -4.46
C SER C 103 -12.12 23.83 -3.27
N GLN C 104 -12.59 22.71 -2.74
CA GLN C 104 -11.91 21.98 -1.69
C GLN C 104 -11.39 20.67 -2.28
N ALA C 105 -10.09 20.48 -2.23
CA ALA C 105 -9.48 19.24 -2.75
C ALA C 105 -9.80 18.07 -1.83
N VAL C 106 -10.11 16.92 -2.42
CA VAL C 106 -10.41 15.71 -1.68
C VAL C 106 -9.63 14.49 -2.20
N LEU C 107 -9.03 13.76 -1.28
CA LEU C 107 -8.38 12.48 -1.58
C LEU C 107 -9.37 11.39 -1.20
N LYS C 108 -9.84 10.66 -2.21
CA LYS C 108 -10.79 9.58 -2.01
C LYS C 108 -10.06 8.26 -2.01
N THR C 109 -10.21 7.52 -0.93
CA THR C 109 -9.54 6.24 -0.79
C THR C 109 -10.43 5.12 -0.30
N ASP C 110 -10.02 3.92 -0.72
CA ASP C 110 -10.42 2.65 -0.09
C ASP C 110 -9.22 2.10 0.67
N TRP C 111 -9.46 1.49 1.82
CA TRP C 111 -8.40 0.89 2.60
C TRP C 111 -8.69 -0.52 3.05
N ASN C 112 -7.59 -1.22 3.35
CA ASN C 112 -7.61 -2.51 3.97
C ASN C 112 -6.72 -2.48 5.18
N LEU C 113 -7.21 -3.10 6.27
CA LEU C 113 -6.50 -3.27 7.52
C LEU C 113 -6.33 -4.76 7.80
N ALA C 114 -5.07 -5.19 7.86
CA ALA C 114 -4.72 -6.57 8.22
C ALA C 114 -4.30 -6.62 9.69
N PHE C 115 -4.83 -7.62 10.40
CA PHE C 115 -4.64 -7.72 11.87
C PHE C 115 -4.96 -9.13 12.35
N TYR C 116 -4.57 -9.44 13.59
CA TYR C 116 -4.95 -10.68 14.25
C TYR C 116 -5.95 -10.43 15.37
N SER C 117 -6.87 -11.37 15.47
CA SER C 117 -7.76 -11.50 16.62
C SER C 117 -7.54 -12.91 17.18
N GLY C 118 -6.87 -12.97 18.34
CA GLY C 118 -6.32 -14.21 18.81
C GLY C 118 -5.35 -14.75 17.78
N SER C 119 -5.47 -16.03 17.48
CA SER C 119 -4.61 -16.61 16.45
C SER C 119 -5.25 -16.51 15.06
N THR C 120 -6.35 -15.78 14.93
CA THR C 120 -7.05 -15.67 13.64
C THR C 120 -6.69 -14.40 12.86
N PRO C 121 -6.13 -14.55 11.64
CA PRO C 121 -5.86 -13.35 10.83
C PRO C 121 -7.12 -12.84 10.13
N ALA C 122 -7.17 -11.55 9.90
CA ALA C 122 -8.30 -11.00 9.15
C ALA C 122 -7.93 -9.73 8.42
N ILE C 123 -8.71 -9.41 7.40
CA ILE C 123 -8.52 -8.18 6.65
C ILE C 123 -9.83 -7.45 6.53
N GLN C 124 -9.87 -6.26 7.14
CA GLN C 124 -11.06 -5.41 7.19
C GLN C 124 -10.95 -4.30 6.13
N GLN C 125 -12.08 -3.97 5.52
CA GLN C 125 -12.21 -2.97 4.47
C GLN C 125 -12.90 -1.72 4.97
N GLY C 126 -12.52 -0.58 4.41
CA GLY C 126 -13.22 0.69 4.65
C GLY C 126 -12.95 1.75 3.60
N GLN C 127 -13.46 2.97 3.85
CA GLN C 127 -13.28 4.10 2.96
C GLN C 127 -12.95 5.33 3.77
N ASP C 128 -11.95 6.09 3.33
CA ASP C 128 -11.57 7.40 3.96
C ASP C 128 -11.56 8.45 2.85
N ASP C 129 -12.15 9.60 3.13
CA ASP C 129 -12.00 10.77 2.31
C ASP C 129 -11.22 11.82 3.10
N PHE C 130 -10.12 12.30 2.55
CA PHE C 130 -9.28 13.30 3.22
C PHE C 130 -9.39 14.66 2.55
N MET C 131 -9.63 15.70 3.34
CA MET C 131 -9.69 17.05 2.81
C MET C 131 -8.41 17.74 3.16
N GLN C 132 -7.89 18.48 2.19
CA GLN C 132 -6.71 19.30 2.39
C GLN C 132 -7.03 20.43 3.35
N SER C 133 -6.24 20.58 4.42
CA SER C 133 -6.47 21.70 5.38
C SER C 133 -5.96 23.06 4.91
N VAL D 2 9.19 2.04 26.64
CA VAL D 2 9.03 1.39 25.30
C VAL D 2 7.55 1.37 24.90
N ALA D 3 7.29 1.13 23.62
CA ALA D 3 5.91 1.18 23.10
C ALA D 3 4.98 0.20 23.80
N THR D 4 3.72 0.63 23.98
CA THR D 4 2.64 -0.24 24.47
C THR D 4 2.23 -1.19 23.37
N VAL D 5 1.85 -2.41 23.78
CA VAL D 5 1.50 -3.47 22.83
C VAL D 5 0.01 -3.77 22.96
N SER D 6 -0.64 -3.77 21.80
CA SER D 6 -2.07 -4.02 21.70
C SER D 6 -2.23 -5.21 20.78
N GLU D 7 -3.22 -6.05 21.08
CA GLU D 7 -3.49 -7.23 20.25
C GLU D 7 -3.69 -6.86 18.78
N SER D 8 -4.38 -5.73 18.55
CA SER D 8 -4.60 -5.24 17.17
C SER D 8 -4.90 -3.74 17.18
N PHE D 9 -5.00 -3.21 15.98
CA PHE D 9 -5.46 -1.85 15.76
C PHE D 9 -6.90 -1.66 16.23
N LEU D 10 -7.69 -2.74 16.29
CA LEU D 10 -9.10 -2.66 16.72
C LEU D 10 -9.35 -3.01 18.19
N THR D 11 -8.44 -3.72 18.83
CA THR D 11 -8.67 -4.30 20.15
C THR D 11 -7.41 -4.25 21.00
N GLU D 12 -7.54 -3.77 22.23
CA GLU D 12 -6.41 -3.76 23.15
C GLU D 12 -6.07 -5.17 23.62
#